data_7PRT
#
_entry.id   7PRT
#
_cell.length_a   46.808
_cell.length_b   71.622
_cell.length_c   78.739
_cell.angle_alpha   90.000
_cell.angle_beta   94.894
_cell.angle_gamma   90.000
#
_symmetry.space_group_name_H-M   'P 1 21 1'
#
loop_
_entity.id
_entity.type
_entity.pdbx_description
1 polymer 'Heparanase 50 kDa subunit'
2 polymer 'Heparanase 8 kDa subunit'
3 branched alpha-L-fucopyranose-(1-6)-2-acetamido-2-deoxy-beta-D-glucopyranose
4 branched '2-deoxy-alpha-D-arabino-hexopyranose-(1-4)-(2R,3S,5R,6R)-2,3,4,5,6-pentakis(oxidanyl)cyclohexane-1-carboxylic acid'
5 non-polymer 2-acetamido-2-deoxy-beta-D-glucopyranose
6 non-polymer 1,2-ETHANEDIOL
7 non-polymer 'CHLORIDE ION'
8 water water
#
loop_
_entity_poly.entity_id
_entity_poly.type
_entity_poly.pdbx_seq_one_letter_code
_entity_poly.pdbx_strand_id
1 'polypeptide(L)'
;DPGKKFKNSTYSRSSVDVLYTFANCSGLDLIFGLNALLRTADLQWNSSNAQLLLDYCSSKGYNISWELGNEPNSFLKKAD
IFINGSQLGEDFIQLHKLLRKSTFKNAKLYGPDVGQPRRKTAKMLKSFLKAGGEVIDSVTWHHYYLNGRTATREDFLNPD
VLDIFISSVQKVFQVVESTRPGKKVWLGETSSAYGGGAPLLSDTFAAGFMWLDKLGLSARMGIEVVMRQVFFGAGNYHLV
DENFDPLPDYWLSLLFKKLVGTKVLMASVQGSKRRKLRVYLHCTNTDNPRYKEGDLTLYAINLHNVTKYLRLPYPFSNKQ
VDKYLLRPLGPHGLLSKSVQLNGLTLKMVDDQTLPPLMEKPLRPGSSLGLPAFSYSFFVIRNAKVAACI
;
A
2 'polypeptide(L)' QDVVDLDFFTQEPLHLVSPSFLSVTIDANLATDPRFLILLGSPKLRTLARGLSPAYLRFGGTKTDFLIFDPKKE B
#
loop_
_chem_comp.id
_chem_comp.type
_chem_comp.name
_chem_comp.formula
8I4 saccharide '(2R,3S,5R,6R)-2,3,4,5,6-pentakis(oxidanyl)cyclohexane-1-carboxylic acid' 'C7 H12 O7'
CL non-polymer 'CHLORIDE ION' 'Cl -1'
EDO non-polymer 1,2-ETHANEDIOL 'C2 H6 O2'
FUC L-saccharide, alpha linking alpha-L-fucopyranose 'C6 H12 O5'
NAG D-saccharide, beta linking 2-acetamido-2-deoxy-beta-D-glucopyranose 'C8 H15 N O6'
Z61 D-saccharide, alpha linking 2-deoxy-alpha-D-arabino-hexopyranose 'C6 H12 O5'
#
# COMPACT_ATOMS: atom_id res chain seq x y z
N PHE A 6 7.72 -0.18 -25.63
CA PHE A 6 8.52 -0.77 -24.50
C PHE A 6 9.64 -1.68 -25.05
N LYS A 7 10.89 -1.35 -24.70
CA LYS A 7 12.11 -2.05 -25.18
C LYS A 7 12.65 -2.93 -24.06
N ASN A 8 13.22 -4.07 -24.43
CA ASN A 8 14.01 -4.93 -23.52
C ASN A 8 15.21 -4.10 -23.03
N SER A 9 15.49 -4.20 -21.74
CA SER A 9 16.66 -3.62 -21.04
C SER A 9 17.29 -4.76 -20.23
N THR A 10 18.61 -4.72 -20.05
CA THR A 10 19.34 -5.65 -19.16
C THR A 10 19.61 -4.93 -17.85
N TYR A 11 19.73 -5.69 -16.78
CA TYR A 11 20.21 -5.22 -15.45
C TYR A 11 21.28 -6.22 -14.98
N SER A 12 22.17 -5.74 -14.10
CA SER A 12 23.42 -6.39 -13.68
C SER A 12 23.23 -7.00 -12.29
N ARG A 13 24.20 -7.83 -11.86
CA ARG A 13 24.33 -8.32 -10.47
C ARG A 13 24.41 -7.11 -9.54
N SER A 14 25.13 -6.07 -9.94
CA SER A 14 25.29 -4.79 -9.20
C SER A 14 23.92 -4.22 -8.82
N SER A 15 23.04 -3.95 -9.80
CA SER A 15 21.64 -3.47 -9.63
C SER A 15 20.89 -4.35 -8.61
N VAL A 16 20.99 -5.67 -8.75
CA VAL A 16 20.38 -6.65 -7.81
C VAL A 16 20.90 -6.36 -6.39
N ASP A 17 22.22 -6.17 -6.23
CA ASP A 17 22.88 -5.89 -4.92
C ASP A 17 22.41 -4.54 -4.36
N VAL A 18 22.29 -3.50 -5.19
CA VAL A 18 21.80 -2.16 -4.77
C VAL A 18 20.39 -2.34 -4.14
N LEU A 19 19.51 -2.99 -4.90
CA LEU A 19 18.11 -3.26 -4.53
C LEU A 19 18.03 -4.08 -3.24
N TYR A 20 18.69 -5.25 -3.18
CA TYR A 20 18.65 -6.14 -2.00
C TYR A 20 19.16 -5.37 -0.77
N THR A 21 20.28 -4.66 -0.92
CA THR A 21 20.97 -3.92 0.19
C THR A 21 20.08 -2.80 0.73
N PHE A 22 19.47 -2.05 -0.18
CA PHE A 22 18.49 -0.98 0.18
C PHE A 22 17.36 -1.60 1.01
N ALA A 23 16.76 -2.72 0.58
CA ALA A 23 15.67 -3.40 1.32
C ALA A 23 16.20 -3.91 2.66
N ASN A 24 17.28 -4.71 2.62
CA ASN A 24 17.87 -5.36 3.82
C ASN A 24 18.24 -4.30 4.86
N CYS A 25 18.99 -3.27 4.48
CA CYS A 25 19.47 -2.22 5.43
C CYS A 25 18.31 -1.32 5.88
N SER A 26 17.14 -1.38 5.22
CA SER A 26 15.96 -0.56 5.59
C SER A 26 14.93 -1.36 6.39
N GLY A 27 15.13 -2.67 6.63
CA GLY A 27 14.17 -3.54 7.33
C GLY A 27 12.93 -3.86 6.50
N LEU A 28 13.06 -3.83 5.17
CA LEU A 28 11.93 -4.13 4.24
C LEU A 28 12.16 -5.53 3.64
N ASP A 29 11.07 -6.21 3.29
CA ASP A 29 11.06 -7.57 2.68
C ASP A 29 10.88 -7.40 1.17
N LEU A 30 11.89 -7.78 0.40
CA LEU A 30 11.93 -7.56 -1.06
C LEU A 30 11.07 -8.61 -1.74
N ILE A 31 10.24 -8.12 -2.66
CA ILE A 31 9.48 -8.97 -3.63
C ILE A 31 9.97 -8.55 -5.00
N PHE A 32 10.50 -9.49 -5.79
CA PHE A 32 11.11 -9.19 -7.11
C PHE A 32 10.21 -9.78 -8.18
N GLY A 33 9.72 -8.92 -9.10
CA GLY A 33 8.87 -9.37 -10.22
C GLY A 33 9.73 -9.89 -11.36
N LEU A 34 9.46 -11.11 -11.80
CA LEU A 34 10.23 -11.77 -12.88
C LEU A 34 9.53 -11.49 -14.21
N ASN A 35 10.28 -11.52 -15.30
CA ASN A 35 9.83 -11.21 -16.68
C ASN A 35 9.02 -12.39 -17.21
N ALA A 36 7.73 -12.20 -17.39
CA ALA A 36 6.78 -13.25 -17.86
C ALA A 36 6.67 -13.27 -19.39
N LEU A 37 7.31 -12.34 -20.11
CA LEU A 37 7.16 -12.25 -21.58
C LEU A 37 8.28 -13.03 -22.28
N LEU A 38 9.17 -13.68 -21.52
CA LEU A 38 10.18 -14.61 -22.09
C LEU A 38 9.47 -15.93 -22.38
N ARG A 39 9.24 -16.23 -23.65
CA ARG A 39 8.30 -17.28 -24.11
C ARG A 39 9.02 -18.28 -25.01
N THR A 40 8.65 -19.55 -24.95
CA THR A 40 9.20 -20.62 -25.84
C THR A 40 8.45 -20.57 -27.16
N ALA A 41 8.94 -21.32 -28.16
CA ALA A 41 8.27 -21.55 -29.46
C ALA A 41 6.75 -21.63 -29.26
N ASP A 42 6.27 -22.55 -28.42
CA ASP A 42 4.82 -22.88 -28.23
C ASP A 42 4.19 -22.00 -27.12
N LEU A 43 4.80 -20.88 -26.76
CA LEU A 43 4.23 -19.82 -25.89
C LEU A 43 4.05 -20.32 -24.44
N GLN A 44 4.92 -21.25 -23.98
CA GLN A 44 5.17 -21.53 -22.54
C GLN A 44 6.11 -20.47 -21.99
N TRP A 45 6.12 -20.24 -20.69
CA TRP A 45 7.13 -19.33 -20.10
C TRP A 45 8.51 -19.96 -20.25
N ASN A 46 9.50 -19.23 -20.77
CA ASN A 46 10.95 -19.63 -20.81
C ASN A 46 11.61 -19.18 -19.50
N SER A 47 11.81 -20.13 -18.60
CA SER A 47 12.27 -19.90 -17.20
C SER A 47 13.80 -19.76 -17.11
N SER A 48 14.53 -19.81 -18.22
CA SER A 48 16.02 -19.93 -18.20
C SER A 48 16.68 -18.65 -17.64
N ASN A 49 16.13 -17.44 -17.91
CA ASN A 49 16.73 -16.20 -17.39
C ASN A 49 16.45 -16.11 -15.89
N ALA A 50 15.21 -16.36 -15.47
CA ALA A 50 14.84 -16.43 -14.03
C ALA A 50 15.80 -17.39 -13.32
N GLN A 51 16.05 -18.55 -13.93
CA GLN A 51 16.97 -19.58 -13.39
C GLN A 51 18.31 -18.90 -13.06
N LEU A 52 18.89 -18.14 -14.01
CA LEU A 52 20.18 -17.44 -13.78
C LEU A 52 20.05 -16.51 -12.56
N LEU A 53 18.96 -15.74 -12.46
CA LEU A 53 18.77 -14.82 -11.30
C LEU A 53 18.62 -15.63 -10.01
N LEU A 54 17.78 -16.68 -9.98
CA LEU A 54 17.57 -17.52 -8.78
C LEU A 54 18.93 -18.07 -8.29
N ASP A 55 19.72 -18.66 -9.20
CA ASP A 55 21.10 -19.15 -8.92
C ASP A 55 21.89 -18.02 -8.24
N TYR A 56 21.96 -16.84 -8.87
CA TYR A 56 22.80 -15.73 -8.36
C TYR A 56 22.34 -15.32 -6.96
N CYS A 57 21.03 -15.20 -6.73
CA CYS A 57 20.45 -14.74 -5.44
C CYS A 57 20.78 -15.77 -4.35
N SER A 58 20.62 -17.07 -4.68
CA SER A 58 21.01 -18.23 -3.85
C SER A 58 22.45 -18.06 -3.39
N SER A 59 23.37 -17.94 -4.34
CA SER A 59 24.84 -17.82 -4.14
C SER A 59 25.17 -16.64 -3.21
N LYS A 60 24.27 -15.65 -3.03
CA LYS A 60 24.57 -14.48 -2.15
C LYS A 60 23.80 -14.57 -0.83
N GLY A 61 22.97 -15.60 -0.63
CA GLY A 61 22.14 -15.78 0.58
C GLY A 61 21.06 -14.71 0.71
N TYR A 62 20.55 -14.19 -0.41
CA TYR A 62 19.47 -13.17 -0.45
C TYR A 62 18.12 -13.84 -0.18
N ASN A 63 17.40 -13.42 0.86
CA ASN A 63 16.03 -13.91 1.21
C ASN A 63 15.03 -13.04 0.44
N ILE A 64 14.51 -13.55 -0.67
CA ILE A 64 13.72 -12.72 -1.63
C ILE A 64 12.41 -13.47 -1.91
N SER A 65 11.30 -12.74 -2.00
CA SER A 65 9.99 -13.27 -2.45
C SER A 65 9.81 -12.95 -3.95
N TRP A 66 8.95 -13.67 -4.65
CA TRP A 66 8.87 -13.60 -6.13
C TRP A 66 7.47 -13.28 -6.61
N GLU A 67 7.42 -12.59 -7.77
CA GLU A 67 6.23 -12.44 -8.63
C GLU A 67 6.67 -12.79 -10.04
N LEU A 68 5.70 -13.06 -10.90
CA LEU A 68 5.96 -13.35 -12.34
C LEU A 68 4.95 -12.55 -13.15
N GLY A 69 5.44 -11.54 -13.86
CA GLY A 69 4.59 -10.67 -14.68
C GLY A 69 3.96 -9.57 -13.85
N ASN A 70 3.63 -8.51 -14.57
CA ASN A 70 2.93 -7.30 -14.09
C ASN A 70 1.80 -7.01 -15.10
N GLU A 71 0.57 -6.91 -14.63
CA GLU A 71 -0.62 -6.57 -15.46
C GLU A 71 -0.59 -7.41 -16.74
N PRO A 72 -0.71 -8.75 -16.62
CA PRO A 72 -0.73 -9.65 -17.77
C PRO A 72 -1.95 -9.42 -18.66
N ASN A 73 -3.02 -8.83 -18.10
CA ASN A 73 -4.27 -8.45 -18.81
C ASN A 73 -3.99 -7.53 -20.00
N SER A 74 -2.90 -6.77 -19.98
CA SER A 74 -2.57 -5.75 -21.02
C SER A 74 -1.29 -6.14 -21.80
N PHE A 75 -0.90 -7.41 -21.77
CA PHE A 75 0.28 -7.90 -22.54
C PHE A 75 0.07 -7.69 -24.03
N LEU A 76 -1.16 -7.88 -24.50
CA LEU A 76 -1.48 -7.74 -25.95
C LEU A 76 -1.20 -6.29 -26.36
N LYS A 77 -1.72 -5.33 -25.59
CA LYS A 77 -1.50 -3.88 -25.78
C LYS A 77 0.00 -3.56 -25.65
N LYS A 78 0.69 -4.10 -24.64
CA LYS A 78 2.08 -3.71 -24.29
C LYS A 78 3.07 -4.33 -25.27
N ALA A 79 2.84 -5.55 -25.74
CA ALA A 79 3.87 -6.38 -26.41
C ALA A 79 3.29 -7.22 -27.55
N ASP A 80 2.03 -7.02 -27.92
CA ASP A 80 1.37 -7.81 -28.99
C ASP A 80 1.54 -9.31 -28.76
N ILE A 81 1.46 -9.74 -27.50
CA ILE A 81 1.43 -11.16 -27.06
C ILE A 81 0.21 -11.29 -26.15
N PHE A 82 -0.63 -12.31 -26.37
CA PHE A 82 -1.74 -12.64 -25.47
C PHE A 82 -1.43 -13.95 -24.75
N ILE A 83 -1.33 -13.88 -23.42
CA ILE A 83 -1.21 -15.06 -22.52
C ILE A 83 -2.51 -15.16 -21.74
N ASN A 84 -3.24 -16.27 -21.84
CA ASN A 84 -4.52 -16.43 -21.11
C ASN A 84 -4.19 -16.83 -19.66
N GLY A 85 -5.17 -16.77 -18.78
CA GLY A 85 -5.00 -17.03 -17.34
C GLY A 85 -4.59 -18.47 -17.08
N SER A 86 -5.15 -19.43 -17.82
CA SER A 86 -4.78 -20.88 -17.73
C SER A 86 -3.26 -21.04 -17.88
N GLN A 87 -2.73 -20.53 -18.99
CA GLN A 87 -1.30 -20.62 -19.36
C GLN A 87 -0.46 -19.97 -18.27
N LEU A 88 -0.88 -18.79 -17.81
CA LEU A 88 -0.15 -18.02 -16.80
C LEU A 88 -0.11 -18.82 -15.50
N GLY A 89 -1.20 -19.51 -15.14
CA GLY A 89 -1.23 -20.44 -14.01
C GLY A 89 -0.15 -21.52 -14.13
N GLU A 90 -0.05 -22.13 -15.32
CA GLU A 90 0.97 -23.17 -15.62
C GLU A 90 2.38 -22.59 -15.49
N ASP A 91 2.58 -21.35 -15.96
CA ASP A 91 3.85 -20.60 -15.84
C ASP A 91 4.22 -20.43 -14.36
N PHE A 92 3.26 -20.03 -13.52
CA PHE A 92 3.46 -19.93 -12.05
C PHE A 92 3.79 -21.32 -11.46
N ILE A 93 3.09 -22.38 -11.87
CA ILE A 93 3.41 -23.77 -11.39
C ILE A 93 4.90 -24.04 -11.70
N GLN A 94 5.38 -23.66 -12.90
CA GLN A 94 6.78 -23.93 -13.30
C GLN A 94 7.75 -23.13 -12.43
N LEU A 95 7.44 -21.86 -12.12
CA LEU A 95 8.28 -21.04 -11.20
C LEU A 95 8.28 -21.70 -9.82
N HIS A 96 7.14 -22.17 -9.34
CA HIS A 96 7.04 -22.78 -7.99
C HIS A 96 8.02 -23.97 -7.91
N LYS A 97 8.08 -24.82 -8.95
CA LYS A 97 8.98 -26.01 -8.98
C LYS A 97 10.45 -25.55 -8.89
N LEU A 98 10.81 -24.49 -9.63
CA LEU A 98 12.16 -23.87 -9.58
C LEU A 98 12.47 -23.40 -8.15
N LEU A 99 11.55 -22.73 -7.48
CA LEU A 99 11.75 -22.22 -6.10
C LEU A 99 11.97 -23.39 -5.13
N ARG A 100 11.17 -24.45 -5.26
CA ARG A 100 11.26 -25.66 -4.39
C ARG A 100 12.65 -26.34 -4.53
N LYS A 101 13.31 -26.21 -5.67
CA LYS A 101 14.64 -26.82 -5.97
C LYS A 101 15.77 -25.85 -5.63
N SER A 102 15.46 -24.61 -5.24
CA SER A 102 16.44 -23.55 -4.88
C SER A 102 16.88 -23.72 -3.42
N THR A 103 17.86 -22.91 -2.99
CA THR A 103 18.39 -22.92 -1.59
C THR A 103 17.33 -22.34 -0.63
N PHE A 104 16.42 -21.49 -1.13
CA PHE A 104 15.26 -20.92 -0.39
C PHE A 104 13.99 -21.62 -0.91
N LYS A 105 13.83 -22.88 -0.49
CA LYS A 105 12.78 -23.81 -0.96
C LYS A 105 11.41 -23.35 -0.46
N ASN A 106 11.39 -22.48 0.56
CA ASN A 106 10.15 -22.01 1.24
C ASN A 106 9.83 -20.58 0.81
N ALA A 107 10.58 -20.04 -0.16
CA ALA A 107 10.41 -18.69 -0.71
C ALA A 107 8.94 -18.49 -1.09
N LYS A 108 8.41 -17.28 -0.89
CA LYS A 108 6.99 -17.00 -1.19
C LYS A 108 6.85 -16.56 -2.65
N LEU A 109 5.69 -16.86 -3.21
CA LEU A 109 5.30 -16.60 -4.62
C LEU A 109 3.95 -15.88 -4.63
N TYR A 110 3.89 -14.71 -5.22
CA TYR A 110 2.65 -13.88 -5.27
C TYR A 110 2.30 -13.60 -6.73
N GLY A 111 1.02 -13.44 -7.02
CA GLY A 111 0.57 -13.05 -8.37
C GLY A 111 -0.95 -13.09 -8.43
N PRO A 112 -1.57 -12.81 -9.60
CA PRO A 112 -0.84 -12.50 -10.82
C PRO A 112 -0.63 -11.01 -11.19
N ASP A 113 -0.85 -10.11 -10.25
CA ASP A 113 -0.64 -8.65 -10.39
C ASP A 113 -1.50 -8.16 -11.58
N VAL A 114 -2.75 -8.58 -11.62
CA VAL A 114 -3.74 -8.08 -12.62
C VAL A 114 -4.19 -6.66 -12.26
N GLY A 115 -4.66 -5.94 -13.28
CA GLY A 115 -5.30 -4.63 -13.08
C GLY A 115 -6.63 -4.80 -12.40
N GLN A 116 -7.37 -3.73 -12.26
CA GLN A 116 -8.61 -3.76 -11.47
C GLN A 116 -9.63 -4.53 -12.29
N PRO A 117 -10.61 -5.17 -11.62
CA PRO A 117 -11.45 -6.19 -12.24
C PRO A 117 -12.54 -5.77 -13.23
N ARG A 118 -12.13 -5.21 -14.37
CA ARG A 118 -12.88 -5.18 -15.65
C ARG A 118 -13.23 -6.62 -16.08
N ARG A 119 -14.28 -6.80 -16.88
CA ARG A 119 -14.79 -8.12 -17.32
C ARG A 119 -13.64 -9.03 -17.78
N LYS A 120 -12.77 -8.53 -18.67
CA LYS A 120 -11.66 -9.33 -19.26
C LYS A 120 -10.61 -9.62 -18.20
N THR A 121 -10.42 -8.73 -17.23
CA THR A 121 -9.42 -8.93 -16.16
C THR A 121 -9.96 -9.98 -15.18
N ALA A 122 -11.24 -9.89 -14.81
CA ALA A 122 -11.91 -10.85 -13.90
C ALA A 122 -11.82 -12.26 -14.52
N LYS A 123 -12.01 -12.37 -15.83
CA LYS A 123 -11.94 -13.70 -16.51
C LYS A 123 -10.51 -14.25 -16.40
N MET A 124 -9.50 -13.41 -16.67
CA MET A 124 -8.07 -13.80 -16.60
C MET A 124 -7.73 -14.22 -15.17
N LEU A 125 -8.17 -13.46 -14.17
CA LEU A 125 -7.88 -13.78 -12.75
C LEU A 125 -8.51 -15.12 -12.35
N LYS A 126 -9.76 -15.35 -12.74
CA LYS A 126 -10.54 -16.56 -12.40
C LYS A 126 -9.83 -17.79 -12.98
N SER A 127 -9.46 -17.76 -14.28
CA SER A 127 -8.79 -18.90 -14.96
C SER A 127 -7.37 -19.07 -14.39
N PHE A 128 -6.69 -17.98 -14.05
CA PHE A 128 -5.33 -18.06 -13.45
C PHE A 128 -5.45 -18.77 -12.10
N LEU A 129 -6.44 -18.43 -11.27
CA LEU A 129 -6.58 -19.02 -9.91
C LEU A 129 -7.01 -20.48 -10.03
N LYS A 130 -7.84 -20.84 -11.01
CA LYS A 130 -8.22 -22.26 -11.26
C LYS A 130 -6.96 -23.09 -11.57
N ALA A 131 -6.10 -22.59 -12.44
CA ALA A 131 -4.89 -23.30 -12.94
C ALA A 131 -3.76 -23.21 -11.92
N GLY A 132 -3.41 -22.00 -11.48
CA GLY A 132 -2.16 -21.75 -10.74
C GLY A 132 -2.38 -21.42 -9.28
N GLY A 133 -3.62 -21.35 -8.81
CA GLY A 133 -3.94 -20.83 -7.46
C GLY A 133 -3.30 -21.62 -6.36
N GLU A 134 -2.95 -22.89 -6.61
CA GLU A 134 -2.43 -23.76 -5.54
C GLU A 134 -1.04 -23.28 -5.11
N VAL A 135 -0.28 -22.62 -5.98
CA VAL A 135 1.17 -22.36 -5.72
C VAL A 135 1.41 -20.89 -5.30
N ILE A 136 0.39 -20.03 -5.26
CA ILE A 136 0.63 -18.63 -4.82
C ILE A 136 0.27 -18.51 -3.34
N ASP A 137 1.04 -17.71 -2.60
CA ASP A 137 0.83 -17.48 -1.16
C ASP A 137 -0.20 -16.35 -0.94
N SER A 138 -0.36 -15.49 -1.94
CA SER A 138 -1.32 -14.35 -1.94
C SER A 138 -1.69 -14.01 -3.38
N VAL A 139 -2.92 -13.57 -3.56
CA VAL A 139 -3.47 -13.04 -4.83
C VAL A 139 -3.17 -11.54 -4.84
N THR A 140 -2.43 -11.03 -5.81
CA THR A 140 -2.12 -9.60 -5.96
C THR A 140 -2.95 -9.01 -7.10
N TRP A 141 -3.52 -7.84 -6.89
CA TRP A 141 -4.20 -7.10 -7.97
C TRP A 141 -3.90 -5.64 -7.75
N HIS A 142 -4.22 -4.79 -8.72
CA HIS A 142 -3.84 -3.38 -8.71
C HIS A 142 -5.08 -2.51 -8.77
N HIS A 143 -4.98 -1.30 -8.26
CA HIS A 143 -6.09 -0.32 -8.25
C HIS A 143 -5.55 1.12 -8.32
N TYR A 144 -6.15 1.91 -9.20
N TYR A 144 -6.16 1.92 -9.19
CA TYR A 144 -6.00 3.38 -9.28
CA TYR A 144 -5.97 3.41 -9.26
C TYR A 144 -7.40 3.98 -9.30
C TYR A 144 -7.34 4.05 -9.41
N TYR A 145 -7.60 5.14 -8.68
CA TYR A 145 -8.90 5.85 -8.72
C TYR A 145 -9.02 6.58 -10.07
N LEU A 146 -7.93 7.18 -10.56
CA LEU A 146 -7.99 8.20 -11.66
C LEU A 146 -6.90 7.99 -12.70
N ASN A 147 -7.08 8.65 -13.83
CA ASN A 147 -6.04 8.84 -14.87
C ASN A 147 -5.29 10.11 -14.46
N GLY A 148 -3.98 10.01 -14.21
CA GLY A 148 -3.16 11.16 -13.77
C GLY A 148 -3.26 12.33 -14.74
N ARG A 149 -3.43 12.07 -16.02
CA ARG A 149 -3.52 13.12 -17.07
C ARG A 149 -4.77 13.98 -16.87
N THR A 150 -5.90 13.42 -16.45
CA THR A 150 -7.21 14.10 -16.51
C THR A 150 -7.73 14.37 -15.10
N ALA A 151 -7.10 13.79 -14.09
CA ALA A 151 -7.56 13.93 -12.69
C ALA A 151 -7.62 15.42 -12.33
N THR A 152 -8.63 15.81 -11.58
CA THR A 152 -8.84 17.19 -11.11
C THR A 152 -8.74 17.19 -9.60
N ARG A 153 -8.53 18.36 -9.03
CA ARG A 153 -8.56 18.60 -7.58
C ARG A 153 -9.89 18.12 -6.98
N GLU A 154 -11.00 18.41 -7.65
CA GLU A 154 -12.36 18.04 -7.17
C GLU A 154 -12.44 16.50 -7.08
N ASP A 155 -11.86 15.80 -8.05
CA ASP A 155 -11.87 14.31 -8.08
C ASP A 155 -11.24 13.77 -6.78
N PHE A 156 -10.13 14.39 -6.36
CA PHE A 156 -9.34 13.93 -5.19
C PHE A 156 -10.16 14.10 -3.93
N LEU A 157 -11.17 15.01 -3.93
CA LEU A 157 -12.01 15.35 -2.77
C LEU A 157 -13.43 14.76 -2.86
N ASN A 158 -13.71 14.01 -3.92
CA ASN A 158 -15.09 13.53 -4.23
C ASN A 158 -15.37 12.17 -3.58
N PRO A 159 -16.24 12.06 -2.56
CA PRO A 159 -16.63 10.76 -2.02
C PRO A 159 -17.22 9.79 -3.06
N ASP A 160 -17.79 10.24 -4.18
CA ASP A 160 -18.29 9.30 -5.21
C ASP A 160 -17.10 8.65 -5.91
N VAL A 161 -15.97 9.33 -6.00
CA VAL A 161 -14.72 8.74 -6.54
C VAL A 161 -14.21 7.75 -5.50
N LEU A 162 -14.12 8.12 -4.22
CA LEU A 162 -13.59 7.21 -3.16
C LEU A 162 -14.38 5.91 -3.17
N ASP A 163 -15.71 6.02 -3.29
CA ASP A 163 -16.66 4.88 -3.15
C ASP A 163 -16.46 3.82 -4.25
N ILE A 164 -15.93 4.17 -5.43
CA ILE A 164 -15.80 3.16 -6.53
C ILE A 164 -14.86 2.02 -6.10
N PHE A 165 -13.91 2.29 -5.21
CA PHE A 165 -12.96 1.27 -4.71
C PHE A 165 -13.71 0.09 -4.08
N ILE A 166 -14.83 0.31 -3.38
CA ILE A 166 -15.62 -0.74 -2.70
C ILE A 166 -16.06 -1.79 -3.72
N SER A 167 -16.59 -1.39 -4.87
CA SER A 167 -17.08 -2.32 -5.93
C SER A 167 -15.90 -3.11 -6.52
N SER A 168 -14.75 -2.48 -6.76
CA SER A 168 -13.53 -3.20 -7.19
C SER A 168 -13.21 -4.31 -6.20
N VAL A 169 -13.15 -4.00 -4.90
CA VAL A 169 -12.74 -5.00 -3.87
C VAL A 169 -13.77 -6.15 -3.89
N GLN A 170 -15.07 -5.85 -3.88
CA GLN A 170 -16.14 -6.89 -3.88
C GLN A 170 -15.96 -7.78 -5.12
N LYS A 171 -15.61 -7.21 -6.28
CA LYS A 171 -15.49 -8.02 -7.52
C LYS A 171 -14.28 -8.96 -7.43
N VAL A 172 -13.17 -8.51 -6.86
CA VAL A 172 -11.97 -9.40 -6.70
C VAL A 172 -12.35 -10.54 -5.75
N PHE A 173 -12.92 -10.25 -4.59
CA PHE A 173 -13.31 -11.30 -3.63
C PHE A 173 -14.32 -12.27 -4.26
N GLN A 174 -15.22 -11.81 -5.13
CA GLN A 174 -16.18 -12.73 -5.80
C GLN A 174 -15.41 -13.75 -6.63
N VAL A 175 -14.38 -13.34 -7.37
CA VAL A 175 -13.54 -14.27 -8.17
C VAL A 175 -12.77 -15.20 -7.24
N VAL A 176 -12.10 -14.66 -6.21
CA VAL A 176 -11.26 -15.50 -5.30
C VAL A 176 -12.13 -16.54 -4.57
N GLU A 177 -13.29 -16.14 -4.01
N GLU A 177 -13.29 -16.17 -4.02
CA GLU A 177 -14.16 -17.05 -3.19
CA GLU A 177 -14.09 -17.11 -3.19
C GLU A 177 -14.70 -18.17 -4.09
C GLU A 177 -14.78 -18.15 -4.09
N SER A 178 -14.77 -17.96 -5.41
CA SER A 178 -15.30 -18.93 -6.38
C SER A 178 -14.23 -19.95 -6.78
N THR A 179 -12.94 -19.69 -6.52
CA THR A 179 -11.81 -20.47 -7.09
C THR A 179 -10.86 -20.95 -6.00
N ARG A 180 -10.45 -20.07 -5.08
CA ARG A 180 -9.52 -20.40 -3.99
C ARG A 180 -9.97 -19.74 -2.70
N PRO A 181 -11.08 -20.19 -2.09
CA PRO A 181 -11.62 -19.55 -0.88
C PRO A 181 -10.58 -19.45 0.24
N GLY A 182 -10.47 -18.28 0.87
CA GLY A 182 -9.58 -18.06 2.03
C GLY A 182 -8.15 -17.71 1.66
N LYS A 183 -7.78 -17.75 0.38
CA LYS A 183 -6.46 -17.27 -0.09
C LYS A 183 -6.36 -15.78 0.28
N LYS A 184 -5.20 -15.35 0.75
CA LYS A 184 -4.96 -13.94 1.16
C LYS A 184 -4.98 -13.10 -0.13
N VAL A 185 -5.49 -11.88 -0.03
CA VAL A 185 -5.69 -10.97 -1.18
C VAL A 185 -4.95 -9.69 -0.84
N TRP A 186 -4.05 -9.29 -1.72
CA TRP A 186 -3.14 -8.15 -1.57
C TRP A 186 -3.38 -7.17 -2.71
N LEU A 187 -3.30 -5.87 -2.42
CA LEU A 187 -3.07 -4.83 -3.45
C LEU A 187 -1.57 -4.75 -3.72
N GLY A 188 -1.16 -5.19 -4.91
CA GLY A 188 0.23 -5.37 -5.32
C GLY A 188 0.83 -4.11 -5.91
N GLU A 189 -0.01 -3.14 -6.27
CA GLU A 189 0.40 -1.82 -6.86
C GLU A 189 -0.82 -0.91 -6.76
N THR A 190 -0.75 0.19 -6.01
CA THR A 190 -1.93 1.08 -5.90
C THR A 190 -1.51 2.51 -5.63
N SER A 191 -2.33 3.44 -6.13
CA SER A 191 -2.15 4.88 -5.86
C SER A 191 -3.38 5.66 -6.34
N SER A 192 -3.39 6.99 -6.09
CA SER A 192 -4.41 7.97 -6.53
C SER A 192 -4.68 7.78 -8.03
N ALA A 193 -3.64 7.86 -8.83
CA ALA A 193 -3.80 7.98 -10.29
C ALA A 193 -2.70 7.27 -11.01
N TYR A 194 -3.03 6.65 -12.15
CA TYR A 194 -2.05 5.93 -13.00
C TYR A 194 -1.38 6.95 -13.94
N GLY A 195 -0.49 6.48 -14.80
CA GLY A 195 0.32 7.32 -15.69
C GLY A 195 1.30 8.16 -14.90
N GLY A 196 1.74 7.70 -13.73
CA GLY A 196 2.74 8.43 -12.93
C GLY A 196 2.15 9.47 -11.99
N GLY A 197 0.84 9.50 -11.82
CA GLY A 197 0.20 10.36 -10.82
C GLY A 197 -0.31 11.64 -11.46
N ALA A 198 -1.12 12.40 -10.73
CA ALA A 198 -1.74 13.66 -11.19
C ALA A 198 -0.81 14.81 -10.84
N PRO A 199 -0.27 15.52 -11.84
CA PRO A 199 0.63 16.65 -11.58
C PRO A 199 0.02 17.64 -10.57
N LEU A 200 0.83 18.05 -9.60
CA LEU A 200 0.52 19.02 -8.51
C LEU A 200 -0.58 18.53 -7.57
N LEU A 201 -1.00 17.25 -7.67
CA LEU A 201 -2.09 16.69 -6.82
C LEU A 201 -1.62 15.44 -6.06
N SER A 202 -1.06 14.48 -6.76
CA SER A 202 -0.67 13.16 -6.20
C SER A 202 0.47 13.31 -5.17
N ASP A 203 1.18 14.44 -5.14
CA ASP A 203 2.30 14.69 -4.19
C ASP A 203 1.90 15.69 -3.09
N THR A 204 0.61 15.92 -2.87
CA THR A 204 0.12 16.97 -1.94
C THR A 204 -0.66 16.43 -0.75
N PHE A 205 -1.01 17.32 0.17
CA PHE A 205 -1.93 17.03 1.29
C PHE A 205 -3.21 16.42 0.69
N ALA A 206 -3.62 16.83 -0.52
CA ALA A 206 -4.94 16.45 -1.08
C ALA A 206 -4.93 14.96 -1.44
N ALA A 207 -3.78 14.36 -1.74
CA ALA A 207 -3.62 12.92 -2.02
C ALA A 207 -3.99 12.07 -0.81
N GLY A 208 -3.96 12.63 0.40
CA GLY A 208 -4.11 11.90 1.67
C GLY A 208 -5.52 11.39 1.89
N PHE A 209 -6.53 12.05 1.30
CA PHE A 209 -7.95 11.60 1.44
C PHE A 209 -8.06 10.23 0.80
N MET A 210 -7.58 10.10 -0.43
CA MET A 210 -7.66 8.82 -1.15
C MET A 210 -6.76 7.77 -0.47
N TRP A 211 -5.55 8.13 -0.07
CA TRP A 211 -4.65 7.13 0.55
C TRP A 211 -5.23 6.61 1.87
N LEU A 212 -5.67 7.50 2.77
CA LEU A 212 -6.17 7.05 4.09
C LEU A 212 -7.50 6.29 3.91
N ASP A 213 -8.37 6.72 2.97
CA ASP A 213 -9.63 5.98 2.70
C ASP A 213 -9.32 4.58 2.16
N LYS A 214 -8.39 4.47 1.20
CA LYS A 214 -7.95 3.17 0.63
C LYS A 214 -7.45 2.24 1.75
N LEU A 215 -6.60 2.72 2.66
CA LEU A 215 -6.13 1.92 3.82
C LEU A 215 -7.34 1.46 4.66
N GLY A 216 -8.22 2.40 5.03
CA GLY A 216 -9.39 2.13 5.85
C GLY A 216 -10.24 1.03 5.27
N LEU A 217 -10.57 1.16 3.99
CA LEU A 217 -11.53 0.26 3.33
C LEU A 217 -10.83 -1.08 3.09
N SER A 218 -9.57 -1.06 2.66
CA SER A 218 -8.79 -2.30 2.45
C SER A 218 -8.83 -3.12 3.73
N ALA A 219 -8.48 -2.52 4.85
CA ALA A 219 -8.45 -3.25 6.14
C ALA A 219 -9.85 -3.77 6.45
N ARG A 220 -10.86 -2.91 6.28
CA ARG A 220 -12.24 -3.22 6.67
C ARG A 220 -12.77 -4.38 5.81
N MET A 221 -12.37 -4.46 4.56
CA MET A 221 -12.96 -5.40 3.59
C MET A 221 -12.18 -6.70 3.45
N GLY A 222 -11.02 -6.86 4.09
CA GLY A 222 -10.32 -8.15 4.12
C GLY A 222 -9.08 -8.18 3.27
N ILE A 223 -8.60 -7.03 2.76
CA ILE A 223 -7.28 -6.97 2.07
C ILE A 223 -6.18 -6.97 3.13
N GLU A 224 -5.17 -7.83 3.01
CA GLU A 224 -4.21 -8.10 4.11
C GLU A 224 -2.99 -7.18 4.01
N VAL A 225 -2.59 -6.85 2.79
CA VAL A 225 -1.42 -5.99 2.50
C VAL A 225 -1.79 -5.03 1.38
N VAL A 226 -1.35 -3.77 1.50
CA VAL A 226 -1.54 -2.72 0.46
C VAL A 226 -0.15 -2.17 0.07
N MET A 227 0.22 -2.23 -1.20
CA MET A 227 1.56 -1.80 -1.68
C MET A 227 1.48 -0.48 -2.45
N ARG A 228 1.94 0.58 -1.83
CA ARG A 228 1.84 1.98 -2.34
C ARG A 228 2.83 2.20 -3.49
N GLN A 229 2.30 2.47 -4.68
CA GLN A 229 3.06 3.04 -5.81
C GLN A 229 3.24 4.54 -5.59
N VAL A 230 4.46 5.08 -5.40
CA VAL A 230 5.73 4.38 -5.13
C VAL A 230 6.34 4.98 -3.85
N PHE A 231 7.28 4.27 -3.23
CA PHE A 231 8.04 4.83 -2.08
C PHE A 231 8.85 6.04 -2.58
N PHE A 232 9.54 5.83 -3.70
CA PHE A 232 10.50 6.79 -4.31
C PHE A 232 10.55 6.49 -5.81
N GLY A 233 10.59 7.54 -6.64
CA GLY A 233 10.66 7.39 -8.11
C GLY A 233 10.18 8.63 -8.85
N ALA A 234 10.09 8.54 -10.18
CA ALA A 234 9.78 9.67 -11.10
C ALA A 234 8.32 10.10 -10.92
N GLY A 235 7.40 9.18 -10.64
CA GLY A 235 5.95 9.49 -10.52
C GLY A 235 5.67 10.41 -9.35
N ASN A 236 4.78 11.37 -9.50
CA ASN A 236 4.55 12.31 -8.39
C ASN A 236 3.57 11.73 -7.34
N TYR A 237 3.18 10.45 -7.45
CA TYR A 237 2.54 9.68 -6.35
C TYR A 237 3.64 9.16 -5.40
N HIS A 238 4.90 9.57 -5.59
CA HIS A 238 6.00 9.11 -4.71
C HIS A 238 5.67 9.57 -3.29
N LEU A 239 6.05 8.79 -2.28
CA LEU A 239 5.98 9.23 -0.86
C LEU A 239 7.14 10.20 -0.57
N VAL A 240 8.26 10.03 -1.26
CA VAL A 240 9.52 10.80 -1.06
C VAL A 240 9.93 11.39 -2.40
N ASP A 241 10.18 12.71 -2.43
CA ASP A 241 10.46 13.44 -3.69
C ASP A 241 11.93 13.19 -4.10
N GLU A 242 12.28 13.81 -5.22
CA GLU A 242 13.59 13.71 -5.94
C GLU A 242 14.75 14.17 -5.04
N ASN A 243 14.47 14.99 -4.02
CA ASN A 243 15.49 15.51 -3.08
C ASN A 243 15.54 14.65 -1.82
N PHE A 244 14.91 13.47 -1.83
CA PHE A 244 14.75 12.57 -0.67
C PHE A 244 14.05 13.31 0.49
N ASP A 245 13.13 14.23 0.19
CA ASP A 245 12.28 14.92 1.20
C ASP A 245 10.92 14.24 1.24
N PRO A 246 10.40 13.93 2.45
CA PRO A 246 9.08 13.32 2.60
C PRO A 246 7.93 14.30 2.27
N LEU A 247 6.94 13.77 1.56
CA LEU A 247 5.71 14.47 1.17
C LEU A 247 4.61 14.10 2.15
N PRO A 248 3.48 14.83 2.18
CA PRO A 248 2.48 14.61 3.21
C PRO A 248 2.08 13.13 3.33
N ASP A 249 1.99 12.40 2.22
CA ASP A 249 1.58 10.96 2.30
C ASP A 249 2.63 10.12 3.03
N TYR A 250 3.91 10.53 3.06
CA TYR A 250 4.92 9.76 3.81
C TYR A 250 4.59 9.95 5.29
N TRP A 251 4.29 11.18 5.70
CA TRP A 251 4.00 11.51 7.13
C TRP A 251 2.69 10.83 7.55
N LEU A 252 1.69 10.86 6.69
CA LEU A 252 0.40 10.14 6.90
C LEU A 252 0.69 8.63 7.11
N SER A 253 1.50 8.03 6.25
CA SER A 253 1.89 6.61 6.26
C SER A 253 2.62 6.31 7.58
N LEU A 254 3.57 7.14 7.99
CA LEU A 254 4.36 6.90 9.23
C LEU A 254 3.42 6.95 10.42
N LEU A 255 2.54 7.94 10.45
CA LEU A 255 1.60 8.11 11.59
C LEU A 255 0.64 6.90 11.65
N PHE A 256 0.21 6.40 10.48
CA PHE A 256 -0.69 5.21 10.37
C PHE A 256 0.06 4.03 10.98
N LYS A 257 1.35 3.92 10.68
CA LYS A 257 2.13 2.77 11.21
C LYS A 257 2.30 2.84 12.72
N LYS A 258 2.47 4.03 13.30
CA LYS A 258 2.74 4.19 14.76
C LYS A 258 1.45 3.91 15.54
N LEU A 259 0.28 4.18 14.96
CA LEU A 259 -1.00 4.24 15.73
C LEU A 259 -1.90 3.03 15.47
N VAL A 260 -1.94 2.52 14.23
CA VAL A 260 -3.00 1.59 13.80
C VAL A 260 -2.52 0.15 13.93
N GLY A 261 -3.28 -0.65 14.68
CA GLY A 261 -2.97 -2.07 14.94
C GLY A 261 -3.46 -3.00 13.85
N THR A 262 -3.17 -4.30 13.99
CA THR A 262 -3.46 -5.33 12.95
C THR A 262 -4.92 -5.78 13.07
N LYS A 263 -5.54 -5.62 14.24
CA LYS A 263 -6.93 -6.10 14.48
C LYS A 263 -7.92 -5.02 14.04
N VAL A 264 -8.69 -5.34 13.00
CA VAL A 264 -9.63 -4.40 12.36
C VAL A 264 -10.99 -4.52 13.04
N LEU A 265 -11.58 -3.38 13.39
CA LEU A 265 -12.94 -3.28 13.97
C LEU A 265 -13.79 -2.45 12.99
N MET A 266 -14.88 -1.87 13.45
CA MET A 266 -15.80 -1.13 12.57
C MET A 266 -16.31 0.10 13.32
N ALA A 267 -16.35 1.21 12.59
CA ALA A 267 -16.99 2.47 13.02
C ALA A 267 -17.96 2.87 11.96
N SER A 268 -19.03 3.55 12.36
CA SER A 268 -19.99 4.13 11.40
C SER A 268 -20.63 5.38 11.97
N VAL A 269 -21.16 6.23 11.11
CA VAL A 269 -21.83 7.49 11.54
C VAL A 269 -23.35 7.23 11.57
N GLN A 270 -23.99 7.50 12.70
CA GLN A 270 -25.44 7.26 12.94
C GLN A 270 -26.34 7.94 11.89
N GLY A 271 -25.96 9.10 11.36
CA GLY A 271 -26.71 9.74 10.25
C GLY A 271 -26.89 8.82 9.04
N SER A 272 -27.95 9.04 8.25
CA SER A 272 -28.19 8.38 6.93
C SER A 272 -27.21 8.90 5.87
N LYS A 273 -26.75 10.14 5.99
CA LYS A 273 -25.88 10.78 4.97
C LYS A 273 -24.63 9.92 4.76
N ARG A 274 -23.96 9.52 5.86
CA ARG A 274 -22.79 8.60 5.93
C ARG A 274 -21.85 8.75 4.73
N ARG A 275 -21.74 9.95 4.17
CA ARG A 275 -20.80 10.33 3.10
C ARG A 275 -19.98 11.52 3.63
N LYS A 276 -18.83 11.77 3.01
N LYS A 276 -18.81 11.75 3.03
CA LYS A 276 -17.95 12.93 3.32
CA LYS A 276 -17.93 12.90 3.33
C LYS A 276 -17.39 12.79 4.75
C LYS A 276 -17.40 12.82 4.76
N LEU A 277 -18.06 12.12 5.68
CA LEU A 277 -17.48 11.82 7.02
C LEU A 277 -17.18 10.31 7.09
N ARG A 278 -15.91 9.93 6.94
CA ARG A 278 -15.49 8.52 6.75
C ARG A 278 -14.66 8.07 7.96
N VAL A 279 -15.09 7.00 8.62
CA VAL A 279 -14.53 6.58 9.93
C VAL A 279 -14.09 5.10 9.84
N TYR A 280 -12.94 4.81 10.45
CA TYR A 280 -12.31 3.48 10.56
C TYR A 280 -11.88 3.26 12.00
N LEU A 281 -11.87 2.00 12.43
CA LEU A 281 -11.54 1.68 13.86
C LEU A 281 -10.77 0.36 13.87
N HIS A 282 -9.58 0.41 14.47
CA HIS A 282 -8.72 -0.76 14.75
C HIS A 282 -8.38 -0.74 16.22
N CYS A 283 -7.81 -1.85 16.72
CA CYS A 283 -7.05 -1.86 17.99
C CYS A 283 -5.84 -0.95 17.79
N THR A 284 -5.38 -0.28 18.84
CA THR A 284 -4.16 0.53 18.79
C THR A 284 -2.96 -0.39 18.56
N ASN A 285 -1.97 0.05 17.80
CA ASN A 285 -0.67 -0.66 17.64
C ASN A 285 -0.03 -0.87 19.04
N THR A 286 0.13 -2.10 19.49
CA THR A 286 0.60 -2.43 20.86
C THR A 286 2.09 -2.10 21.01
N ASP A 287 2.84 -2.04 19.90
CA ASP A 287 4.27 -1.63 19.90
C ASP A 287 4.42 -0.16 20.28
N ASN A 288 3.36 0.64 20.25
CA ASN A 288 3.45 2.08 20.63
C ASN A 288 3.61 2.17 22.15
N PRO A 289 4.73 2.76 22.64
CA PRO A 289 5.07 2.71 24.07
C PRO A 289 4.14 3.57 24.94
N ARG A 290 3.44 4.56 24.36
CA ARG A 290 2.51 5.41 25.12
C ARG A 290 1.22 4.67 25.50
N TYR A 291 0.85 3.62 24.74
CA TYR A 291 -0.51 3.00 24.79
C TYR A 291 -0.41 1.56 25.32
N LYS A 292 -1.56 0.94 25.57
CA LYS A 292 -1.59 -0.35 26.28
C LYS A 292 -2.66 -1.25 25.67
N GLU A 293 -2.59 -2.54 25.99
CA GLU A 293 -3.56 -3.55 25.53
C GLU A 293 -4.96 -3.01 25.79
N GLY A 294 -5.81 -3.06 24.78
CA GLY A 294 -7.24 -2.71 24.88
C GLY A 294 -7.53 -1.33 24.35
N ASP A 295 -6.51 -0.54 24.03
CA ASP A 295 -6.70 0.83 23.48
C ASP A 295 -7.21 0.71 22.03
N LEU A 296 -8.01 1.69 21.61
CA LEU A 296 -8.54 1.77 20.22
C LEU A 296 -7.86 2.89 19.46
N THR A 297 -7.66 2.69 18.16
CA THR A 297 -7.35 3.82 17.25
C THR A 297 -8.50 4.03 16.27
N LEU A 298 -9.13 5.20 16.38
CA LEU A 298 -10.12 5.72 15.40
C LEU A 298 -9.35 6.57 14.39
N TYR A 299 -9.66 6.46 13.09
CA TYR A 299 -9.19 7.47 12.11
C TYR A 299 -10.37 7.93 11.29
N ALA A 300 -10.34 9.21 10.92
CA ALA A 300 -11.49 9.87 10.31
C ALA A 300 -11.06 10.85 9.24
N ILE A 301 -11.87 10.91 8.20
CA ILE A 301 -11.70 11.84 7.06
C ILE A 301 -12.94 12.72 7.04
N ASN A 302 -12.73 14.03 6.95
CA ASN A 302 -13.84 15.01 6.84
C ASN A 302 -13.75 15.67 5.48
N LEU A 303 -14.63 15.28 4.57
CA LEU A 303 -14.70 15.89 3.23
C LEU A 303 -15.81 16.95 3.19
N HIS A 304 -16.40 17.31 4.33
CA HIS A 304 -17.34 18.45 4.44
C HIS A 304 -16.53 19.76 4.37
N ASN A 305 -17.19 20.89 4.09
CA ASN A 305 -16.47 22.19 4.00
C ASN A 305 -16.62 22.91 5.34
N VAL A 306 -17.05 22.20 6.39
CA VAL A 306 -17.11 22.75 7.76
C VAL A 306 -16.55 21.70 8.73
N THR A 307 -16.19 22.17 9.92
CA THR A 307 -15.73 21.35 11.05
C THR A 307 -16.89 20.42 11.44
N LYS A 308 -16.60 19.15 11.66
CA LYS A 308 -17.56 18.21 12.31
C LYS A 308 -17.02 17.82 13.67
N TYR A 309 -17.93 17.55 14.58
CA TYR A 309 -17.66 17.22 15.99
C TYR A 309 -18.18 15.80 16.20
N LEU A 310 -17.28 14.86 16.47
CA LEU A 310 -17.62 13.42 16.63
C LEU A 310 -17.80 13.11 18.11
N ARG A 311 -18.86 12.38 18.44
CA ARG A 311 -19.12 11.92 19.83
C ARG A 311 -18.94 10.41 19.89
N LEU A 312 -18.11 9.97 20.83
CA LEU A 312 -17.77 8.55 21.09
C LEU A 312 -18.93 7.91 21.84
N PRO A 313 -19.33 6.68 21.46
CA PRO A 313 -20.41 5.99 22.16
C PRO A 313 -19.97 5.41 23.51
N TYR A 314 -20.94 5.13 24.40
CA TYR A 314 -20.76 4.32 25.64
C TYR A 314 -20.03 3.02 25.28
N PRO A 315 -19.08 2.49 26.07
CA PRO A 315 -18.53 3.15 27.27
C PRO A 315 -17.21 3.94 27.08
N PHE A 316 -17.09 4.67 25.96
CA PHE A 316 -15.82 5.35 25.56
C PHE A 316 -15.96 6.86 25.67
N SER A 317 -17.16 7.35 26.02
CA SER A 317 -17.57 8.78 26.02
C SER A 317 -16.61 9.64 26.86
N ASN A 318 -16.20 9.16 28.04
CA ASN A 318 -15.43 9.94 29.04
C ASN A 318 -13.94 9.55 29.06
N LYS A 319 -13.49 8.74 28.11
CA LYS A 319 -12.08 8.26 28.09
C LYS A 319 -11.14 9.40 27.68
N GLN A 320 -9.91 9.33 28.18
CA GLN A 320 -8.81 10.21 27.71
C GLN A 320 -8.55 9.86 26.24
N VAL A 321 -8.66 10.84 25.35
CA VAL A 321 -8.37 10.65 23.89
C VAL A 321 -7.14 11.46 23.45
N ASP A 322 -6.19 10.85 22.73
CA ASP A 322 -5.09 11.62 22.08
C ASP A 322 -5.47 11.90 20.63
N LYS A 323 -5.42 13.16 20.23
CA LYS A 323 -5.66 13.62 18.84
C LYS A 323 -4.34 13.67 18.07
N TYR A 324 -4.39 13.31 16.79
CA TYR A 324 -3.26 13.41 15.85
C TYR A 324 -3.86 13.89 14.54
N LEU A 325 -4.07 15.21 14.45
CA LEU A 325 -4.76 15.89 13.36
C LEU A 325 -3.70 16.40 12.37
N LEU A 326 -3.87 16.06 11.10
CA LEU A 326 -2.97 16.50 10.01
C LEU A 326 -3.67 17.63 9.25
N ARG A 327 -2.95 18.72 8.99
CA ARG A 327 -3.42 19.89 8.19
C ARG A 327 -2.27 20.45 7.37
N PRO A 328 -2.55 21.00 6.18
CA PRO A 328 -1.48 21.49 5.33
C PRO A 328 -0.82 22.73 5.94
N LEU A 329 0.46 22.90 5.67
CA LEU A 329 1.23 24.14 5.87
C LEU A 329 0.98 25.08 4.70
N GLY A 330 0.62 26.33 4.97
CA GLY A 330 0.23 27.32 3.95
C GLY A 330 1.46 27.68 3.13
N PRO A 331 1.33 28.47 2.04
CA PRO A 331 0.07 29.12 1.67
C PRO A 331 -0.83 28.39 0.67
N HIS A 332 -0.46 27.16 0.25
CA HIS A 332 -1.08 26.45 -0.90
C HIS A 332 -2.19 25.47 -0.43
N GLY A 333 -2.62 25.52 0.81
CA GLY A 333 -3.83 24.81 1.27
C GLY A 333 -3.69 23.33 0.95
N LEU A 334 -4.72 22.74 0.35
CA LEU A 334 -4.72 21.27 0.14
C LEU A 334 -3.67 20.93 -0.91
N LEU A 335 -3.22 21.91 -1.70
CA LEU A 335 -2.15 21.65 -2.70
C LEU A 335 -0.77 21.83 -2.07
N SER A 336 -0.65 21.94 -0.75
CA SER A 336 0.66 22.02 -0.07
C SER A 336 1.41 20.68 -0.11
N LYS A 337 2.75 20.74 -0.15
CA LYS A 337 3.63 19.57 0.00
C LYS A 337 4.19 19.51 1.42
N SER A 338 3.70 20.35 2.31
CA SER A 338 4.13 20.36 3.74
C SER A 338 2.89 20.15 4.62
N VAL A 339 3.07 19.46 5.74
CA VAL A 339 1.95 19.10 6.63
C VAL A 339 2.33 19.45 8.06
N GLN A 340 1.34 19.83 8.85
CA GLN A 340 1.50 20.00 10.32
C GLN A 340 0.72 18.91 11.06
N LEU A 341 1.30 18.41 12.14
CA LEU A 341 0.60 17.50 13.10
C LEU A 341 0.26 18.30 14.36
N ASN A 342 -1.03 18.51 14.65
CA ASN A 342 -1.50 19.28 15.83
C ASN A 342 -0.80 20.67 15.81
N GLY A 343 -0.67 21.29 14.63
CA GLY A 343 -0.09 22.64 14.44
C GLY A 343 1.44 22.70 14.49
N LEU A 344 2.14 21.56 14.43
CA LEU A 344 3.63 21.47 14.35
C LEU A 344 4.02 20.90 12.98
N THR A 345 4.74 21.66 12.17
CA THR A 345 5.28 21.21 10.85
C THR A 345 6.11 19.94 11.04
N LEU A 346 5.83 18.91 10.25
CA LEU A 346 6.59 17.64 10.27
C LEU A 346 7.77 17.80 9.32
N LYS A 347 8.97 17.67 9.89
CA LYS A 347 10.27 17.80 9.18
C LYS A 347 11.23 16.80 9.82
N MET A 348 12.07 16.16 9.01
N MET A 348 12.08 16.15 9.01
CA MET A 348 13.26 15.43 9.50
CA MET A 348 13.26 15.35 9.46
C MET A 348 13.99 16.30 10.51
C MET A 348 14.09 16.23 10.42
N VAL A 349 14.50 15.71 11.58
CA VAL A 349 15.43 16.41 12.53
C VAL A 349 16.76 16.59 11.78
N ASP A 350 17.29 15.49 11.21
CA ASP A 350 18.46 15.49 10.30
C ASP A 350 18.33 14.26 9.41
N ASP A 351 19.30 14.00 8.53
CA ASP A 351 19.23 12.90 7.53
C ASP A 351 19.09 11.52 8.19
N GLN A 352 19.37 11.42 9.49
CA GLN A 352 19.38 10.11 10.22
C GLN A 352 18.23 10.05 11.25
N THR A 353 17.42 11.11 11.39
CA THR A 353 16.51 11.26 12.57
C THR A 353 15.10 11.74 12.14
N LEU A 354 14.11 10.83 12.26
CA LEU A 354 12.67 11.15 12.17
C LEU A 354 12.27 11.96 13.41
N PRO A 355 11.32 12.91 13.30
CA PRO A 355 10.90 13.67 14.47
C PRO A 355 10.00 12.80 15.33
N PRO A 356 9.76 13.16 16.60
CA PRO A 356 8.69 12.53 17.36
C PRO A 356 7.37 12.96 16.72
N LEU A 357 6.33 12.14 16.85
CA LEU A 357 4.98 12.46 16.33
C LEU A 357 4.11 12.76 17.55
N MET A 358 3.87 14.03 17.84
CA MET A 358 3.44 14.48 19.18
C MET A 358 1.91 14.52 19.26
N GLU A 359 1.34 13.78 20.20
CA GLU A 359 -0.12 13.71 20.46
C GLU A 359 -0.58 15.06 21.01
N LYS A 360 -1.87 15.35 20.92
CA LYS A 360 -2.54 16.49 21.61
C LYS A 360 -3.66 15.88 22.45
N PRO A 361 -3.45 15.69 23.77
CA PRO A 361 -4.48 15.11 24.61
C PRO A 361 -5.70 16.03 24.61
N LEU A 362 -6.91 15.47 24.53
CA LEU A 362 -8.15 16.29 24.64
C LEU A 362 -8.69 16.23 26.07
N ARG A 363 -9.54 17.16 26.49
CA ARG A 363 -10.13 17.04 27.86
C ARG A 363 -11.11 15.86 27.79
N PRO A 364 -11.05 14.91 28.75
CA PRO A 364 -11.96 13.77 28.77
C PRO A 364 -13.42 14.23 28.63
N GLY A 365 -14.20 13.55 27.78
CA GLY A 365 -15.63 13.82 27.57
C GLY A 365 -15.90 14.98 26.63
N SER A 366 -14.90 15.50 25.92
CA SER A 366 -15.11 16.50 24.84
C SER A 366 -15.37 15.78 23.52
N SER A 367 -16.11 16.42 22.62
CA SER A 367 -16.39 15.92 21.26
C SER A 367 -15.11 16.06 20.44
N LEU A 368 -14.91 15.19 19.45
CA LEU A 368 -13.67 15.09 18.63
C LEU A 368 -13.83 16.07 17.45
N GLY A 369 -13.10 17.19 17.46
CA GLY A 369 -13.19 18.21 16.40
C GLY A 369 -12.40 17.78 15.17
N LEU A 370 -13.01 17.82 13.99
CA LEU A 370 -12.38 17.45 12.71
C LEU A 370 -12.66 18.55 11.69
N PRO A 371 -11.70 19.46 11.47
CA PRO A 371 -11.90 20.58 10.55
C PRO A 371 -12.23 20.10 9.15
N ALA A 372 -12.84 20.99 8.36
CA ALA A 372 -13.12 20.79 6.93
C ALA A 372 -11.86 20.29 6.23
N PHE A 373 -12.04 19.37 5.30
CA PHE A 373 -10.96 18.92 4.39
C PHE A 373 -9.73 18.55 5.22
N SER A 374 -9.89 17.66 6.19
CA SER A 374 -8.78 17.21 7.07
C SER A 374 -8.93 15.70 7.34
N TYR A 375 -7.93 15.12 7.98
CA TYR A 375 -7.94 13.71 8.49
C TYR A 375 -7.18 13.68 9.81
N SER A 376 -7.59 12.78 10.67
CA SER A 376 -7.03 12.69 12.04
C SER A 376 -7.11 11.25 12.51
N PHE A 377 -6.20 10.91 13.42
CA PHE A 377 -6.23 9.69 14.23
C PHE A 377 -6.63 10.14 15.61
N PHE A 378 -7.38 9.32 16.32
CA PHE A 378 -7.70 9.52 17.75
C PHE A 378 -7.44 8.21 18.46
N VAL A 379 -6.59 8.22 19.49
CA VAL A 379 -6.36 7.01 20.32
C VAL A 379 -7.18 7.16 21.61
N ILE A 380 -7.98 6.15 21.91
CA ILE A 380 -8.89 6.11 23.08
C ILE A 380 -8.18 5.29 24.15
N ARG A 381 -7.63 6.00 25.13
CA ARG A 381 -6.75 5.38 26.16
C ARG A 381 -7.63 4.73 27.22
N ASN A 382 -7.17 3.60 27.74
CA ASN A 382 -7.88 2.81 28.76
C ASN A 382 -9.25 2.41 28.23
N ALA A 383 -9.37 2.13 26.93
CA ALA A 383 -10.63 1.67 26.30
C ALA A 383 -10.95 0.26 26.83
N LYS A 384 -9.93 -0.51 27.16
CA LYS A 384 -10.07 -1.86 27.78
C LYS A 384 -11.00 -2.71 26.92
N VAL A 385 -10.73 -2.78 25.61
CA VAL A 385 -11.50 -3.63 24.64
C VAL A 385 -10.88 -5.03 24.67
N ALA A 386 -11.66 -6.01 25.13
CA ALA A 386 -11.25 -7.43 25.27
C ALA A 386 -10.70 -7.94 23.93
N ALA A 387 -11.34 -7.60 22.82
CA ALA A 387 -10.96 -8.12 21.49
C ALA A 387 -9.54 -7.66 21.16
N CYS A 388 -9.08 -6.56 21.76
CA CYS A 388 -7.76 -5.97 21.41
C CYS A 388 -6.67 -6.65 22.23
N ILE A 389 -6.96 -6.93 23.51
CA ILE A 389 -6.04 -7.58 24.48
C ILE A 389 -5.61 -8.94 23.89
N GLN B 1 -26.68 21.69 12.54
CA GLN B 1 -25.98 20.79 13.51
C GLN B 1 -24.78 20.11 12.83
N ASP B 2 -23.61 20.24 13.45
CA ASP B 2 -22.33 19.71 12.92
C ASP B 2 -21.77 18.65 13.89
N VAL B 3 -22.58 18.19 14.84
CA VAL B 3 -22.23 17.12 15.82
C VAL B 3 -22.73 15.79 15.22
N VAL B 4 -21.94 14.72 15.38
CA VAL B 4 -22.13 13.42 14.69
C VAL B 4 -21.84 12.30 15.69
N ASP B 5 -22.78 11.37 15.84
CA ASP B 5 -22.65 10.23 16.78
C ASP B 5 -22.00 9.06 16.01
N LEU B 6 -20.97 8.46 16.60
CA LEU B 6 -20.28 7.26 16.08
C LEU B 6 -20.86 6.01 16.75
N ASP B 7 -21.06 4.95 15.99
CA ASP B 7 -21.29 3.60 16.54
C ASP B 7 -20.04 2.73 16.31
N PHE B 8 -19.59 2.01 17.36
CA PHE B 8 -18.40 1.12 17.33
C PHE B 8 -18.86 -0.33 17.48
N PHE B 9 -18.35 -1.20 16.61
CA PHE B 9 -18.37 -2.67 16.81
C PHE B 9 -17.01 -3.09 17.37
N THR B 10 -16.94 -3.55 18.61
CA THR B 10 -15.68 -3.90 19.33
C THR B 10 -15.69 -5.34 19.89
N GLN B 11 -16.71 -6.14 19.55
N GLN B 11 -16.64 -6.20 19.54
CA GLN B 11 -16.97 -7.50 20.09
CA GLN B 11 -16.81 -7.49 20.27
C GLN B 11 -15.74 -8.36 19.80
C GLN B 11 -15.83 -8.54 19.77
N GLU B 12 -15.35 -8.44 18.52
CA GLU B 12 -14.23 -9.28 18.02
C GLU B 12 -13.56 -8.59 16.84
N PRO B 13 -12.29 -8.95 16.53
CA PRO B 13 -11.63 -8.48 15.32
C PRO B 13 -12.43 -9.01 14.13
N LEU B 14 -12.77 -8.15 13.18
CA LEU B 14 -13.44 -8.55 11.93
C LEU B 14 -12.41 -9.05 10.93
N HIS B 15 -11.20 -8.51 10.98
CA HIS B 15 -10.08 -8.98 10.15
C HIS B 15 -8.79 -8.73 10.91
N LEU B 16 -7.76 -9.44 10.47
CA LEU B 16 -6.37 -9.28 10.92
C LEU B 16 -5.55 -8.85 9.71
N VAL B 17 -4.95 -7.66 9.73
CA VAL B 17 -4.06 -7.26 8.61
C VAL B 17 -2.63 -7.67 8.98
N SER B 18 -1.79 -7.82 7.98
CA SER B 18 -0.36 -8.09 8.19
C SER B 18 0.22 -6.95 9.01
N PRO B 19 1.27 -7.18 9.82
CA PRO B 19 2.03 -6.07 10.41
C PRO B 19 2.59 -5.14 9.31
N SER B 20 2.84 -5.72 8.12
CA SER B 20 3.30 -5.03 6.91
C SER B 20 2.11 -4.52 6.06
N PHE B 21 0.93 -4.36 6.64
CA PHE B 21 -0.28 -3.92 5.90
C PHE B 21 0.06 -2.76 4.96
N LEU B 22 0.75 -1.74 5.48
CA LEU B 22 1.14 -0.57 4.67
C LEU B 22 2.54 -0.85 4.13
N SER B 23 2.58 -1.29 2.89
CA SER B 23 3.80 -1.63 2.13
C SER B 23 3.98 -0.66 0.97
N VAL B 24 5.08 -0.79 0.23
CA VAL B 24 5.50 0.20 -0.81
C VAL B 24 6.08 -0.56 -2.01
N THR B 25 6.11 0.12 -3.15
CA THR B 25 6.79 -0.37 -4.34
C THR B 25 7.98 0.56 -4.65
N ILE B 26 8.92 0.02 -5.41
CA ILE B 26 9.86 0.77 -6.29
C ILE B 26 9.56 0.30 -7.69
N ASP B 27 9.26 1.23 -8.58
CA ASP B 27 8.93 0.84 -9.97
C ASP B 27 10.16 0.19 -10.63
N ALA B 28 9.94 -0.88 -11.38
CA ALA B 28 10.98 -1.60 -12.13
C ALA B 28 11.74 -0.61 -13.02
N ASN B 29 11.08 0.45 -13.48
CA ASN B 29 11.70 1.43 -14.40
C ASN B 29 12.89 2.09 -13.72
N LEU B 30 12.92 2.18 -12.39
CA LEU B 30 13.95 2.97 -11.69
C LEU B 30 15.34 2.34 -11.89
N ALA B 31 15.41 1.03 -12.19
CA ALA B 31 16.66 0.28 -12.45
C ALA B 31 17.25 0.65 -13.82
N THR B 32 16.50 1.32 -14.69
CA THR B 32 17.04 1.86 -15.97
C THR B 32 17.61 3.27 -15.75
N ASP B 33 17.51 3.87 -14.56
CA ASP B 33 18.15 5.18 -14.29
C ASP B 33 19.64 4.92 -14.05
N PRO B 34 20.55 5.60 -14.80
CA PRO B 34 22.00 5.51 -14.57
C PRO B 34 22.44 5.74 -13.12
N ARG B 35 21.65 6.46 -12.33
CA ARG B 35 21.95 6.83 -10.92
C ARG B 35 21.27 5.88 -9.91
N PHE B 36 20.81 4.70 -10.34
CA PHE B 36 20.13 3.71 -9.46
C PHE B 36 20.94 3.49 -8.18
N LEU B 37 22.26 3.28 -8.33
CA LEU B 37 23.18 2.99 -7.20
C LEU B 37 23.22 4.19 -6.22
N ILE B 38 23.38 5.41 -6.72
CA ILE B 38 23.47 6.63 -5.88
C ILE B 38 22.15 6.80 -5.13
N LEU B 39 21.03 6.63 -5.84
CA LEU B 39 19.69 6.93 -5.26
C LEU B 39 19.41 6.03 -4.07
N LEU B 40 19.50 4.72 -4.26
CA LEU B 40 19.16 3.71 -3.25
C LEU B 40 20.28 3.64 -2.20
N GLY B 41 21.45 4.21 -2.48
CA GLY B 41 22.57 4.30 -1.51
C GLY B 41 22.42 5.48 -0.55
N SER B 42 21.43 6.35 -0.77
CA SER B 42 21.25 7.63 -0.04
C SER B 42 20.97 7.34 1.42
N PRO B 43 21.84 7.77 2.37
CA PRO B 43 21.56 7.57 3.79
C PRO B 43 20.21 8.17 4.18
N LYS B 44 19.89 9.35 3.65
CA LYS B 44 18.63 10.08 3.94
C LYS B 44 17.42 9.21 3.55
N LEU B 45 17.46 8.60 2.38
CA LEU B 45 16.34 7.76 1.90
C LEU B 45 16.23 6.51 2.76
N ARG B 46 17.34 5.94 3.20
CA ARG B 46 17.31 4.71 4.01
C ARG B 46 16.66 5.03 5.36
N THR B 47 16.86 6.23 5.90
CA THR B 47 16.25 6.63 7.19
C THR B 47 14.71 6.61 7.03
N LEU B 48 14.24 7.24 5.95
CA LEU B 48 12.79 7.29 5.61
C LEU B 48 12.26 5.88 5.39
N ALA B 49 13.01 5.02 4.68
CA ALA B 49 12.60 3.63 4.43
C ALA B 49 12.46 2.89 5.76
N ARG B 50 13.45 3.04 6.65
CA ARG B 50 13.45 2.33 7.95
C ARG B 50 12.18 2.71 8.72
N GLY B 51 11.73 3.97 8.60
CA GLY B 51 10.52 4.49 9.27
C GLY B 51 9.28 3.63 8.98
N LEU B 52 9.23 3.02 7.81
CA LEU B 52 8.02 2.27 7.37
C LEU B 52 8.16 0.78 7.67
N SER B 53 9.31 0.34 8.21
CA SER B 53 9.50 -1.09 8.59
C SER B 53 8.57 -1.41 9.76
N PRO B 54 7.91 -2.58 9.84
CA PRO B 54 7.97 -3.60 8.80
C PRO B 54 7.08 -3.31 7.58
N ALA B 55 7.57 -3.69 6.41
CA ALA B 55 6.88 -3.49 5.14
C ALA B 55 7.49 -4.40 4.07
N TYR B 56 6.67 -4.82 3.12
CA TYR B 56 7.14 -5.34 1.82
C TYR B 56 7.58 -4.15 0.94
N LEU B 57 8.61 -4.40 0.14
CA LEU B 57 9.06 -3.50 -0.94
C LEU B 57 8.94 -4.33 -2.21
N ARG B 58 7.98 -3.99 -3.06
CA ARG B 58 7.77 -4.69 -4.34
C ARG B 58 8.59 -3.96 -5.40
N PHE B 59 9.56 -4.66 -6.01
CA PHE B 59 10.31 -4.17 -7.19
C PHE B 59 9.61 -4.73 -8.41
N GLY B 60 8.80 -3.91 -9.07
CA GLY B 60 7.91 -4.35 -10.15
C GLY B 60 7.26 -3.19 -10.87
N GLY B 61 6.77 -3.43 -12.08
CA GLY B 61 6.11 -2.36 -12.85
C GLY B 61 5.91 -2.83 -14.28
N THR B 62 5.40 -1.97 -15.15
CA THR B 62 5.33 -2.31 -16.60
C THR B 62 6.68 -2.93 -17.02
N LYS B 63 7.79 -2.32 -16.59
CA LYS B 63 9.15 -2.71 -17.04
C LYS B 63 9.53 -4.12 -16.55
N THR B 64 8.86 -4.68 -15.51
CA THR B 64 9.04 -6.09 -15.06
C THR B 64 9.15 -7.02 -16.29
N ASP B 65 8.32 -6.78 -17.30
CA ASP B 65 8.17 -7.73 -18.44
C ASP B 65 9.04 -7.31 -19.63
N PHE B 66 9.98 -6.39 -19.40
CA PHE B 66 10.95 -5.87 -20.40
C PHE B 66 12.33 -5.75 -19.74
N LEU B 67 12.55 -6.50 -18.65
CA LEU B 67 13.88 -6.52 -18.01
C LEU B 67 14.44 -7.93 -18.14
N ILE B 68 15.70 -8.02 -18.56
CA ILE B 68 16.43 -9.31 -18.70
C ILE B 68 17.68 -9.27 -17.82
N PHE B 69 17.88 -10.30 -17.00
CA PHE B 69 19.07 -10.42 -16.11
C PHE B 69 20.25 -10.81 -17.00
N ASP B 70 21.37 -10.10 -16.88
CA ASP B 70 22.61 -10.41 -17.63
C ASP B 70 23.76 -10.47 -16.62
N PRO B 71 24.21 -11.68 -16.24
CA PRO B 71 25.26 -11.85 -15.24
C PRO B 71 26.67 -11.35 -15.65
N LYS B 72 26.88 -11.01 -16.92
CA LYS B 72 28.17 -10.49 -17.49
C LYS B 72 28.26 -8.97 -17.29
N LYS B 73 27.12 -8.28 -17.26
CA LYS B 73 27.04 -6.79 -17.23
C LYS B 73 27.70 -6.28 -15.95
N GLU B 74 28.27 -5.08 -16.01
CA GLU B 74 29.02 -4.44 -14.89
C GLU B 74 28.28 -3.17 -14.47
C1 NAG C . -20.38 23.84 1.37
C2 NAG C . -20.61 24.88 0.25
C3 NAG C . -22.08 24.97 -0.20
C4 NAG C . -22.60 23.54 -0.52
C5 NAG C . -22.41 22.67 0.75
C6 NAG C . -23.05 21.25 0.75
C7 NAG C . -20.27 26.85 1.81
C8 NAG C . -21.70 26.93 2.29
N2 NAG C . -19.91 26.04 0.80
O3 NAG C . -22.23 25.87 -1.30
O4 NAG C . -23.97 23.51 -1.01
O5 NAG C . -21.00 22.57 1.02
O6 NAG C . -22.74 20.53 1.97
O7 NAG C . -19.40 27.48 2.39
C1 FUC C . -23.66 20.79 3.09
C2 FUC C . -23.47 19.77 4.25
C3 FUC C . -22.20 20.09 5.06
C4 FUC C . -22.21 21.53 5.55
C5 FUC C . -22.48 22.55 4.43
C6 FUC C . -22.69 23.94 5.05
O2 FUC C . -23.45 18.43 3.75
O3 FUC C . -22.13 19.29 6.24
O4 FUC C . -23.20 21.63 6.59
O5 FUC C . -23.61 22.14 3.62
C3 8I4 D . 3.59 0.85 -13.06
C5 8I4 D . 1.79 2.62 -12.96
C6 8I4 D . 1.30 3.96 -13.50
O3 8I4 D . 4.82 0.48 -13.69
O4 8I4 D . 4.07 3.24 -13.45
C1 8I4 D . 1.28 0.19 -12.53
C2 8I4 D . 2.52 -0.21 -13.31
C4 8I4 D . 3.10 2.18 -13.64
C7 8I4 D . 0.75 1.50 -13.06
O2 8I4 D . 2.96 -1.53 -12.98
O6B 8I4 D . 1.52 4.96 -12.87
O6A 8I4 D . 0.71 3.98 -14.57
O7 8I4 D . 0.34 1.33 -14.43
O4 Z61 D . 4.64 7.41 -15.20
C1 Z61 D . 5.11 3.31 -14.40
C2 Z61 D . 6.16 4.26 -13.89
C3 Z61 D . 5.64 5.68 -13.88
C4 Z61 D . 5.13 6.06 -15.25
C5 Z61 D . 4.01 5.08 -15.60
C6 Z61 D . 3.34 5.29 -16.94
O3 Z61 D . 6.66 6.57 -13.45
O5 Z61 D . 4.57 3.75 -15.64
O6 Z61 D . 4.32 5.57 -17.94
C1 NAG E . 12.46 -9.22 -25.55
C2 NAG E . 11.80 -8.87 -26.92
C3 NAG E . 11.25 -10.07 -27.66
C4 NAG E . 12.15 -11.29 -27.59
C5 NAG E . 12.57 -11.59 -26.15
C6 NAG E . 13.51 -12.81 -26.06
C7 NAG E . 10.66 -6.67 -27.30
C8 NAG E . 9.41 -5.87 -27.01
N2 NAG E . 10.69 -7.91 -26.77
O3 NAG E . 11.04 -9.72 -29.03
O4 NAG E . 11.46 -12.43 -28.14
O5 NAG E . 13.22 -10.44 -25.59
O6 NAG E . 14.71 -12.47 -25.33
O7 NAG E . 11.57 -6.21 -27.96
C1 NAG F . 15.14 -19.78 -23.58
C2 NAG F . 15.34 -20.89 -24.68
C3 NAG F . 16.83 -21.13 -25.02
C4 NAG F . 17.51 -19.79 -25.31
C5 NAG F . 17.39 -18.95 -24.03
C6 NAG F . 18.29 -17.70 -24.02
C7 NAG F . 13.65 -22.73 -24.76
C8 NAG F . 13.24 -24.00 -24.06
N2 NAG F . 14.73 -22.14 -24.22
O3 NAG F . 17.05 -22.04 -26.13
O4 NAG F . 18.86 -19.95 -25.79
O5 NAG F . 15.99 -18.65 -23.83
O6 NAG F . 17.55 -16.48 -24.17
O7 NAG F . 13.02 -22.29 -25.72
C1 NAG G . 12.72 -14.64 4.94
C2 NAG G . 12.84 -15.79 5.96
C3 NAG G . 11.51 -16.09 6.66
C4 NAG G . 10.86 -14.85 7.27
C5 NAG G . 10.86 -13.64 6.35
C6 NAG G . 10.79 -12.43 7.30
C7 NAG G . 14.53 -17.51 5.44
C8 NAG G . 14.74 -18.90 4.90
N2 NAG G . 13.29 -17.04 5.34
O3 NAG G . 11.74 -17.06 7.71
O4 NAG G . 9.51 -15.15 7.66
O5 NAG G . 11.99 -13.49 5.45
O6 NAG G . 10.47 -11.23 6.61
O7 NAG G . 15.43 -16.87 5.97
C1 NAG H . -4.88 -20.68 -23.41
C2 NAG H . -5.88 -21.58 -24.10
C3 NAG H . -5.21 -22.92 -24.49
C4 NAG H . -3.89 -22.69 -25.26
C5 NAG H . -3.00 -21.82 -24.34
C6 NAG H . -1.58 -21.58 -24.86
C7 NAG H . -8.24 -21.41 -23.41
C8 NAG H . -9.26 -21.73 -22.34
N2 NAG H . -6.98 -21.77 -23.16
O3 NAG H . -6.11 -23.73 -25.27
O4 NAG H . -3.21 -23.92 -25.63
O5 NAG H . -3.68 -20.57 -24.17
O6 NAG H . -1.62 -20.81 -26.06
O7 NAG H . -8.54 -20.86 -24.46
C1 EDO I . -0.96 -2.57 11.04
O1 EDO I . -0.61 -2.41 12.41
C2 EDO I . -1.10 -1.26 10.30
O2 EDO I . 0.15 -0.63 9.96
C1 EDO J . -6.34 26.02 -2.95
O1 EDO J . -6.58 26.90 -1.91
C2 EDO J . -5.68 24.74 -2.53
O2 EDO J . -6.64 23.76 -2.17
C1 EDO K . -16.39 4.42 4.68
O1 EDO K . -17.60 3.80 4.15
C2 EDO K . -16.24 4.38 6.16
O2 EDO K . -17.08 5.22 6.98
CL CL L . 10.57 5.42 -11.15
CL CL M . -7.88 -15.07 -19.95
#